data_5A9X
#
_entry.id   5A9X
#
_cell.length_a   241.946
_cell.length_b   241.946
_cell.length_c   241.946
_cell.angle_alpha   90.00
_cell.angle_beta   90.00
_cell.angle_gamma   90.00
#
_symmetry.space_group_name_H-M   'I 41 3 2'
#
loop_
_entity.id
_entity.type
_entity.pdbx_description
1 polymer 'GTP-BINDING PROTEIN'
2 non-polymer "GUANOSINE-5'-DIPHOSPHATE"
3 water water
#
_entity_poly.entity_id   1
_entity_poly.type   'polypeptide(L)'
_entity_poly.pdbx_seq_one_letter_code
;MIEKLRNIAIIAHVDHGKTTLVDKLLQQSGTFDSRAETQERVMDSNDLEKERGITILAKNTAIKWNDYRINIVDTPGHAD
FGGEVERVMSMVDSVLLVVDAFDGPMPQTRFVTKKAFAYGLKPIVVINKVDRPGARPDWVVDQVFDLFVNLDATDEQLDF
PIVYASALNGIAGLDHEDMAEDMTPLYQAIVDHVPAPDVDLDGPFQMQISQLDYNSYVGVIGIGRIKRGKVKPNQQVTII
DSEGKTRNAKVGKVLGHLGLERIETDLAEAGDIVAITGLGELNISDTVCDTQNVEALPALSVDEPTVSMFFCVNTSPFCG
KEGKFVTSRQILDRLNKELVHNVALRVEETEDADAFRVSGRGELHLSVLIENMRREGFELAVSRPKVIFREIDGRKQEPY
ENVTLDVEEQHQGSVMQALGERKGDLKNMNPDGKGRVRLDYVIPSRGLIGFRSEFMTMTSGTGLLYSTFSHYDDVRPGEV
GQRQNGVLISNGQGKAVAFALFGLQDRGKLFLGHGAEVYEGQIIGIHSRSNDLTVNCLTGKKLTNMRASGTDEAVVLVPP
IRMTLEQALEFIDDDELVEVTPTSIRIRKRHLTENDRRRANRAPKDD
;
_entity_poly.pdbx_strand_id   A
#
loop_
_chem_comp.id
_chem_comp.type
_chem_comp.name
_chem_comp.formula
GDP RNA linking GUANOSINE-5'-DIPHOSPHATE 'C10 H15 N5 O11 P2'
#
# COMPACT_ATOMS: atom_id res chain seq x y z
N MET A 1 7.56 28.24 21.87
CA MET A 1 8.06 27.13 20.98
C MET A 1 6.95 26.34 20.29
N ILE A 2 5.97 25.88 21.06
CA ILE A 2 4.95 24.92 20.60
C ILE A 2 3.62 25.59 20.20
N GLU A 3 3.28 26.72 20.78
CA GLU A 3 2.04 27.44 20.44
C GLU A 3 2.20 28.42 19.27
N LYS A 4 3.40 28.46 18.71
CA LYS A 4 3.72 29.22 17.50
C LYS A 4 3.84 28.29 16.28
N LEU A 5 3.71 26.97 16.50
CA LEU A 5 3.78 25.97 15.43
C LEU A 5 2.49 26.01 14.60
N ARG A 6 2.64 25.92 13.28
CA ARG A 6 1.50 25.84 12.37
C ARG A 6 1.80 24.78 11.30
N ASN A 7 1.05 23.68 11.36
CA ASN A 7 1.21 22.57 10.42
C ASN A 7 0.15 22.65 9.32
N ILE A 8 0.56 23.07 8.11
CA ILE A 8 -0.33 23.18 6.94
C ILE A 8 0.13 22.37 5.73
N ALA A 9 -0.72 22.31 4.70
CA ALA A 9 -0.41 21.66 3.44
C ALA A 9 -0.90 22.49 2.28
N ILE A 10 -0.26 22.31 1.12
CA ILE A 10 -0.57 23.08 -0.08
C ILE A 10 -1.16 22.15 -1.11
N ILE A 11 -1.99 22.69 -2.01
CA ILE A 11 -2.50 21.93 -3.14
C ILE A 11 -2.09 22.61 -4.45
N ALA A 12 -1.30 21.88 -5.25
CA ALA A 12 -0.81 22.35 -6.53
C ALA A 12 -1.90 22.18 -7.58
N HIS A 13 -2.42 23.31 -8.06
CA HIS A 13 -3.17 23.37 -9.32
C HIS A 13 -2.23 22.81 -10.41
N VAL A 14 -2.77 22.48 -11.59
CA VAL A 14 -1.96 22.27 -12.82
C VAL A 14 -0.49 22.76 -12.67
N ASP A 15 -0.33 24.05 -12.37
CA ASP A 15 1.00 24.63 -12.21
C ASP A 15 1.70 24.05 -10.99
N HIS A 16 2.86 23.43 -11.23
CA HIS A 16 3.64 22.83 -10.15
C HIS A 16 4.76 23.76 -9.69
N GLY A 17 5.06 23.74 -8.40
CA GLY A 17 6.11 24.57 -7.83
C GLY A 17 5.58 25.52 -6.77
N LYS A 18 4.82 26.52 -7.21
CA LYS A 18 4.26 27.50 -6.29
C LYS A 18 5.36 28.29 -5.58
N THR A 19 6.38 28.69 -6.33
CA THR A 19 7.50 29.43 -5.77
C THR A 19 8.22 30.24 -6.85
N THR A 20 7.81 31.49 -7.03
CA THR A 20 6.72 32.07 -6.21
C THR A 20 6.89 32.11 -4.68
N LEU A 21 6.23 31.18 -4.02
CA LEU A 21 5.61 31.38 -2.74
C LEU A 21 6.20 30.38 -1.74
N VAL A 22 6.09 29.08 -2.05
CA VAL A 22 6.87 28.02 -1.38
C VAL A 22 8.31 28.51 -1.13
N ASP A 23 8.92 29.07 -2.17
CA ASP A 23 10.31 29.53 -2.12
C ASP A 23 10.43 30.83 -1.33
N LYS A 24 10.04 31.94 -1.95
CA LYS A 24 10.36 33.29 -1.47
C LYS A 24 10.13 33.49 0.02
N LEU A 25 9.12 32.80 0.55
CA LEU A 25 8.77 32.91 1.98
C LEU A 25 9.84 32.33 2.91
N LEU A 26 10.84 31.65 2.35
CA LEU A 26 12.17 31.66 2.97
C LEU A 26 12.68 33.08 2.78
N GLN A 27 12.24 33.95 3.69
CA GLN A 27 12.53 35.39 3.64
C GLN A 27 13.09 35.94 4.96
N GLN A 28 13.21 35.10 6.00
CA GLN A 28 13.88 35.48 7.25
C GLN A 28 14.90 34.41 7.71
N SER A 29 15.23 33.46 6.82
CA SER A 29 16.04 32.28 7.15
C SER A 29 15.20 31.31 8.03
N GLY A 30 15.12 30.01 7.72
CA GLY A 30 15.74 29.38 6.55
C GLY A 30 17.22 29.09 6.73
N LYS A 50 11.56 20.45 -10.91
CA LYS A 50 11.57 21.59 -10.01
C LYS A 50 10.14 22.03 -9.65
N GLU A 51 9.74 21.80 -8.41
CA GLU A 51 10.57 21.17 -7.38
C GLU A 51 9.74 20.75 -6.18
N ARG A 52 10.40 20.60 -5.03
CA ARG A 52 9.72 20.20 -3.81
C ARG A 52 10.22 21.01 -2.61
N GLY A 53 9.55 20.90 -1.46
CA GLY A 53 8.38 20.04 -1.30
C GLY A 53 8.10 19.71 0.14
N ILE A 54 8.82 18.72 0.66
CA ILE A 54 8.65 18.29 2.05
C ILE A 54 9.88 18.65 2.89
N THR A 55 9.69 19.47 3.93
CA THR A 55 8.40 20.04 4.28
C THR A 55 8.44 21.57 4.28
N ILE A 56 9.60 22.12 3.95
CA ILE A 56 9.78 23.56 3.91
C ILE A 56 9.19 24.22 5.15
N LEU A 57 9.95 24.22 6.25
CA LEU A 57 9.50 24.82 7.49
C LEU A 57 10.14 26.18 7.72
N ALA A 58 9.54 27.22 7.13
CA ALA A 58 10.04 28.57 7.27
C ALA A 58 10.18 28.97 8.74
N LYS A 59 10.64 30.19 8.97
CA LYS A 59 10.82 30.70 10.35
C LYS A 59 10.70 32.23 10.37
N ASN A 60 9.92 32.78 11.33
CA ASN A 60 9.51 34.22 11.32
C ASN A 60 8.90 34.81 12.63
N THR A 61 9.21 36.09 12.87
CA THR A 61 8.39 37.00 13.72
C THR A 61 8.68 38.45 13.26
N ALA A 62 7.75 39.37 13.52
CA ALA A 62 7.93 40.80 13.17
C ALA A 62 9.01 41.46 14.03
N ASP A 67 8.93 33.68 17.21
CA ASP A 67 9.32 32.76 16.16
C ASP A 67 8.19 31.78 15.92
N TYR A 68 7.70 31.74 14.69
CA TYR A 68 6.73 30.74 14.26
C TYR A 68 7.42 29.75 13.31
N ARG A 69 7.66 28.54 13.82
CA ARG A 69 8.03 27.42 12.97
C ARG A 69 6.77 27.00 12.22
N ILE A 70 6.88 26.82 10.90
CA ILE A 70 5.73 26.48 10.05
C ILE A 70 6.12 25.34 9.11
N ASN A 71 5.88 24.11 9.55
CA ASN A 71 6.09 22.93 8.71
C ASN A 71 4.97 22.84 7.68
N ILE A 72 5.31 22.92 6.39
CA ILE A 72 4.32 22.90 5.29
C ILE A 72 4.51 21.69 4.36
N VAL A 73 3.68 20.66 4.55
CA VAL A 73 3.79 19.41 3.79
C VAL A 73 3.09 19.55 2.42
N ASP A 74 3.85 19.38 1.33
CA ASP A 74 3.31 19.49 -0.06
C ASP A 74 2.51 18.24 -0.42
N THR A 75 1.18 18.38 -0.49
CA THR A 75 0.34 17.27 -0.99
C THR A 75 0.59 17.17 -2.48
N PRO A 76 0.75 15.94 -2.99
CA PRO A 76 1.17 15.80 -4.37
C PRO A 76 0.10 16.29 -5.37
N GLY A 77 0.54 16.81 -6.51
CA GLY A 77 -0.36 17.15 -7.61
C GLY A 77 -1.09 15.92 -8.14
N HIS A 78 -0.36 14.79 -8.25
CA HIS A 78 -0.95 13.49 -8.58
C HIS A 78 -1.65 12.85 -7.37
N ALA A 79 -2.25 11.68 -7.59
CA ALA A 79 -2.74 10.83 -6.52
C ALA A 79 -2.18 9.44 -6.79
N ASP A 80 -1.34 8.90 -5.89
CA ASP A 80 -0.74 7.56 -6.11
C ASP A 80 -1.82 6.47 -6.12
N PHE A 81 -2.22 5.98 -4.94
CA PHE A 81 -3.28 4.96 -4.81
C PHE A 81 -3.53 4.57 -3.34
N GLY A 82 -4.61 3.81 -3.11
CA GLY A 82 -4.88 3.12 -1.85
C GLY A 82 -4.89 3.89 -0.54
N GLY A 83 -5.10 5.22 -0.63
CA GLY A 83 -5.16 6.11 0.53
C GLY A 83 -3.89 6.91 0.77
N GLU A 84 -3.47 7.64 -0.26
CA GLU A 84 -2.22 8.39 -0.20
C GLU A 84 -2.40 9.74 0.52
N VAL A 85 -3.22 10.61 -0.06
CA VAL A 85 -3.31 12.03 0.38
C VAL A 85 -3.99 12.22 1.74
N GLU A 86 -5.01 11.41 2.03
CA GLU A 86 -5.60 11.42 3.38
C GLU A 86 -4.53 11.22 4.47
N ARG A 87 -3.54 10.36 4.20
CA ARG A 87 -2.41 10.13 5.12
C ARG A 87 -1.52 11.36 5.31
N VAL A 88 -1.48 12.26 4.33
CA VAL A 88 -0.70 13.50 4.40
C VAL A 88 -1.28 14.47 5.41
N MET A 89 -2.59 14.66 5.35
CA MET A 89 -3.24 15.60 6.25
C MET A 89 -3.50 15.09 7.68
N SER A 90 -3.14 13.82 7.93
CA SER A 90 -2.99 13.26 9.29
C SER A 90 -2.01 14.01 10.18
N MET A 91 -1.09 14.73 9.55
CA MET A 91 -0.15 15.58 10.25
C MET A 91 -0.77 16.96 10.49
N VAL A 92 -1.21 17.58 9.40
CA VAL A 92 -1.56 19.00 9.42
C VAL A 92 -2.89 19.28 10.12
N ASP A 93 -3.09 20.55 10.49
CA ASP A 93 -4.36 21.07 11.05
C ASP A 93 -5.12 22.07 10.13
N SER A 94 -4.56 22.39 8.97
CA SER A 94 -5.18 23.30 8.01
C SER A 94 -4.50 23.14 6.66
N VAL A 95 -4.99 23.84 5.65
CA VAL A 95 -4.44 23.70 4.29
C VAL A 95 -4.31 25.03 3.57
N LEU A 96 -3.68 24.94 2.40
CA LEU A 96 -3.47 26.05 1.48
C LEU A 96 -3.84 25.58 0.06
N LEU A 97 -4.48 26.46 -0.73
CA LEU A 97 -4.94 26.13 -2.08
C LEU A 97 -4.48 27.19 -3.08
N VAL A 98 -3.54 26.83 -3.93
CA VAL A 98 -3.03 27.75 -4.94
C VAL A 98 -3.91 27.62 -6.17
N VAL A 99 -4.40 28.76 -6.65
CA VAL A 99 -5.27 28.82 -7.82
C VAL A 99 -4.86 29.94 -8.76
N ASP A 100 -4.76 29.61 -10.05
CA ASP A 100 -4.42 30.56 -11.09
C ASP A 100 -5.55 31.61 -11.21
N ALA A 101 -5.17 32.88 -11.29
CA ALA A 101 -6.11 33.97 -11.54
C ALA A 101 -6.55 34.01 -13.02
N PHE A 102 -5.65 33.62 -13.92
CA PHE A 102 -5.99 33.50 -15.35
C PHE A 102 -7.09 32.44 -15.53
N ASP A 103 -6.85 31.25 -14.96
CA ASP A 103 -7.72 30.07 -15.13
C ASP A 103 -8.72 29.88 -13.95
N GLY A 104 -8.25 29.37 -12.82
CA GLY A 104 -9.11 28.93 -11.72
C GLY A 104 -8.68 27.57 -11.17
N PRO A 105 -9.53 26.95 -10.34
CA PRO A 105 -9.27 25.60 -9.82
C PRO A 105 -9.60 24.53 -10.86
N MET A 106 -9.04 23.32 -10.70
CA MET A 106 -9.12 22.26 -11.72
C MET A 106 -9.45 20.90 -11.10
N PRO A 107 -9.51 19.82 -11.90
CA PRO A 107 -9.62 18.46 -11.34
C PRO A 107 -8.40 17.97 -10.55
N GLN A 108 -7.26 18.62 -10.74
CA GLN A 108 -6.07 18.34 -9.95
C GLN A 108 -6.17 18.90 -8.52
N THR A 109 -7.06 19.88 -8.34
CA THR A 109 -7.44 20.40 -7.02
C THR A 109 -8.66 19.64 -6.42
N ARG A 110 -9.63 19.28 -7.27
CA ARG A 110 -10.84 18.52 -6.85
C ARG A 110 -10.54 17.15 -6.23
N PHE A 111 -9.38 16.58 -6.57
CA PHE A 111 -8.91 15.33 -5.95
C PHE A 111 -8.70 15.55 -4.44
N VAL A 112 -7.86 16.51 -4.08
CA VAL A 112 -7.44 16.68 -2.68
C VAL A 112 -8.56 17.30 -1.88
N THR A 113 -8.92 18.54 -2.24
CA THR A 113 -9.83 19.37 -1.47
C THR A 113 -11.01 18.62 -0.88
N LYS A 114 -11.56 17.70 -1.68
CA LYS A 114 -12.58 16.78 -1.20
C LYS A 114 -12.09 16.05 0.07
N LYS A 115 -10.99 15.30 -0.05
CA LYS A 115 -10.40 14.59 1.10
C LYS A 115 -9.85 15.52 2.19
N ALA A 116 -9.52 16.76 1.81
CA ALA A 116 -9.08 17.78 2.77
C ALA A 116 -10.15 18.11 3.78
N PHE A 117 -11.37 18.33 3.32
CA PHE A 117 -12.46 18.78 4.20
C PHE A 117 -12.97 17.61 5.07
N ALA A 118 -12.58 16.37 4.74
CA ALA A 118 -12.97 15.14 5.49
C ALA A 118 -12.65 15.21 6.97
N TYR A 119 -11.43 15.66 7.28
CA TYR A 119 -11.10 16.09 8.64
C TYR A 119 -11.35 17.59 8.60
N GLY A 120 -11.82 18.17 9.70
CA GLY A 120 -12.30 19.56 9.73
C GLY A 120 -11.21 20.60 9.52
N LEU A 121 -10.69 20.64 8.29
CA LEU A 121 -9.55 21.48 7.95
C LEU A 121 -10.04 22.79 7.33
N LYS A 122 -9.77 23.89 8.02
CA LYS A 122 -10.10 25.22 7.54
C LYS A 122 -9.13 25.59 6.43
N PRO A 123 -9.64 25.88 5.22
CA PRO A 123 -8.79 26.11 4.08
C PRO A 123 -8.18 27.51 4.07
N ILE A 124 -7.20 27.72 3.19
CA ILE A 124 -6.67 29.05 2.88
C ILE A 124 -6.50 29.16 1.36
N VAL A 125 -7.23 30.09 0.75
CA VAL A 125 -7.26 30.24 -0.69
C VAL A 125 -6.19 31.25 -1.09
N VAL A 126 -5.46 30.93 -2.14
CA VAL A 126 -4.42 31.78 -2.70
C VAL A 126 -4.72 31.96 -4.18
N ILE A 127 -5.08 33.19 -4.56
CA ILE A 127 -5.22 33.56 -5.98
C ILE A 127 -3.81 33.94 -6.46
N ASN A 128 -3.18 33.01 -7.19
CA ASN A 128 -1.81 33.18 -7.69
C ASN A 128 -1.83 33.88 -9.05
N LYS A 129 -0.65 34.22 -9.57
CA LYS A 129 -0.47 34.76 -10.94
C LYS A 129 -1.13 36.14 -11.14
N VAL A 130 -1.42 36.84 -10.03
CA VAL A 130 -2.30 38.02 -10.08
C VAL A 130 -1.81 39.08 -11.06
N ASP A 131 -0.50 39.13 -11.25
CA ASP A 131 0.15 40.09 -12.15
C ASP A 131 -0.08 39.80 -13.66
N ARG A 132 -0.65 38.64 -14.00
CA ARG A 132 -0.90 38.27 -15.42
C ARG A 132 -1.89 39.25 -16.07
N PRO A 133 -1.65 39.62 -17.35
CA PRO A 133 -2.59 40.53 -18.04
C PRO A 133 -3.95 39.90 -18.39
N GLY A 134 -4.00 38.57 -18.50
CA GLY A 134 -5.27 37.83 -18.67
C GLY A 134 -5.92 37.31 -17.38
N ALA A 135 -5.56 37.93 -16.23
CA ALA A 135 -6.05 37.52 -14.92
C ALA A 135 -7.39 38.19 -14.56
N ARG A 136 -8.15 37.51 -13.72
CA ARG A 136 -9.49 37.96 -13.34
C ARG A 136 -9.75 37.50 -11.91
N PRO A 137 -9.60 38.41 -10.94
CA PRO A 137 -9.56 38.00 -9.53
C PRO A 137 -10.89 37.50 -8.96
N ASP A 138 -11.90 38.36 -8.95
CA ASP A 138 -13.17 38.05 -8.27
C ASP A 138 -14.10 37.11 -9.06
N TRP A 139 -13.80 36.84 -10.32
CA TRP A 139 -14.46 35.75 -11.07
C TRP A 139 -13.92 34.40 -10.60
N VAL A 140 -12.59 34.33 -10.51
CA VAL A 140 -11.90 33.13 -10.01
C VAL A 140 -12.36 32.85 -8.58
N VAL A 141 -12.44 33.91 -7.77
CA VAL A 141 -13.01 33.77 -6.44
C VAL A 141 -14.42 33.15 -6.59
N ASP A 142 -15.26 33.75 -7.44
CA ASP A 142 -16.64 33.26 -7.67
C ASP A 142 -16.73 31.81 -8.19
N GLN A 143 -15.69 31.35 -8.90
CA GLN A 143 -15.58 29.92 -9.25
C GLN A 143 -15.13 29.08 -8.06
N VAL A 144 -14.18 29.60 -7.31
CA VAL A 144 -13.65 28.92 -6.12
C VAL A 144 -14.65 28.97 -4.94
N PHE A 145 -15.82 29.58 -5.14
CA PHE A 145 -16.95 29.44 -4.22
C PHE A 145 -17.84 28.30 -4.69
N ASP A 146 -18.32 28.44 -5.91
CA ASP A 146 -19.35 27.54 -6.46
C ASP A 146 -18.84 26.11 -6.60
N LEU A 147 -17.63 25.98 -7.14
CA LEU A 147 -16.90 24.69 -7.11
C LEU A 147 -16.02 24.67 -5.83
N PHE A 148 -16.68 24.75 -4.68
CA PHE A 148 -15.99 24.74 -3.40
C PHE A 148 -16.97 24.47 -2.25
N VAL A 149 -18.24 24.77 -2.48
CA VAL A 149 -19.27 24.56 -1.47
C VAL A 149 -20.04 23.27 -1.74
N ASN A 150 -20.19 22.93 -3.01
CA ASN A 150 -20.92 21.72 -3.40
C ASN A 150 -20.53 20.52 -2.54
N LEU A 151 -19.37 20.61 -1.90
CA LEU A 151 -18.90 19.53 -1.05
C LEU A 151 -19.05 19.89 0.43
N ASP A 152 -20.15 20.55 0.75
CA ASP A 152 -20.42 20.96 2.13
C ASP A 152 -19.18 21.55 2.79
N ALA A 153 -19.18 21.57 4.12
CA ALA A 153 -18.06 22.11 4.89
C ALA A 153 -18.26 21.93 6.39
N THR A 154 -19.27 22.60 6.96
CA THR A 154 -20.16 23.48 6.22
C THR A 154 -19.75 24.94 6.37
N ASP A 155 -18.83 25.20 7.30
CA ASP A 155 -18.34 26.55 7.54
C ASP A 155 -17.66 27.12 6.31
N GLU A 156 -16.84 28.15 6.51
CA GLU A 156 -16.13 28.79 5.42
C GLU A 156 -17.03 29.03 4.21
N GLN A 157 -17.72 30.17 4.17
CA GLN A 157 -17.66 31.19 5.23
C GLN A 157 -16.27 31.81 5.31
N LEU A 158 -15.45 31.31 6.22
CA LEU A 158 -14.09 31.82 6.40
C LEU A 158 -13.14 30.72 6.88
N ASP A 159 -12.35 30.15 5.97
CA ASP A 159 -12.35 30.53 4.55
C ASP A 159 -11.89 31.98 4.37
N PHE A 160 -10.71 32.29 4.89
CA PHE A 160 -10.15 33.64 4.78
C PHE A 160 -8.92 33.81 5.67
N PRO A 161 -7.73 33.57 5.13
CA PRO A 161 -7.55 33.17 3.74
C PRO A 161 -8.09 34.23 2.77
N ILE A 162 -8.18 33.87 1.50
CA ILE A 162 -8.68 34.79 0.48
C ILE A 162 -7.62 35.82 0.10
N VAL A 163 -6.36 35.40 0.12
CA VAL A 163 -5.25 36.29 -0.24
C VAL A 163 -5.04 36.34 -1.74
N TYR A 164 -4.41 37.40 -2.20
CA TYR A 164 -4.14 37.57 -3.62
C TYR A 164 -2.63 37.75 -3.72
N ALA A 165 -1.94 36.82 -4.40
CA ALA A 165 -0.48 36.75 -4.33
C ALA A 165 0.23 36.60 -5.69
N SER A 166 1.24 37.45 -5.89
CA SER A 166 2.13 37.40 -7.05
C SER A 166 3.41 36.62 -6.73
N ALA A 167 4.24 36.40 -7.76
CA ALA A 167 5.50 35.68 -7.60
C ALA A 167 6.63 36.71 -7.46
N LEU A 168 7.04 37.28 -8.60
CA LEU A 168 7.69 38.60 -8.67
C LEU A 168 6.98 39.61 -7.75
N ASN A 169 7.40 39.63 -6.49
CA ASN A 169 6.63 40.29 -5.43
C ASN A 169 7.51 40.76 -4.27
N GLY A 173 -2.30 46.37 -8.68
CA GLY A 173 -3.01 47.02 -7.59
C GLY A 173 -4.51 46.83 -7.68
N LEU A 174 -4.98 45.65 -7.29
CA LEU A 174 -6.40 45.34 -7.32
C LEU A 174 -6.82 44.55 -6.09
N ASP A 175 -8.03 44.82 -5.60
CA ASP A 175 -8.56 44.15 -4.43
C ASP A 175 -7.52 44.09 -3.30
N HIS A 176 -7.70 43.17 -2.37
CA HIS A 176 -6.79 43.02 -1.25
C HIS A 176 -5.34 43.06 -1.71
N GLU A 177 -4.49 43.84 -1.03
CA GLU A 177 -4.90 44.62 0.14
C GLU A 177 -5.56 45.93 -0.28
N ASP A 178 -4.93 46.69 -1.17
CA ASP A 178 -3.64 46.32 -1.77
C ASP A 178 -2.76 47.54 -1.97
N MET A 179 -1.43 47.35 -1.96
CA MET A 179 -0.81 46.05 -1.76
C MET A 179 0.68 46.19 -1.49
N ALA A 180 1.04 46.21 -0.20
CA ALA A 180 2.43 46.34 0.20
C ALA A 180 3.22 45.07 -0.12
N GLU A 181 4.40 44.94 0.48
CA GLU A 181 5.24 43.78 0.26
C GLU A 181 4.44 42.48 0.32
N ASP A 182 3.62 42.25 -0.71
CA ASP A 182 2.79 41.05 -0.78
C ASP A 182 3.59 39.82 -0.38
N MET A 183 4.13 39.82 0.82
CA MET A 183 4.91 38.70 1.33
C MET A 183 4.61 38.42 2.79
N THR A 184 4.20 39.46 3.51
CA THR A 184 3.88 39.33 4.93
C THR A 184 2.38 39.11 5.14
N PRO A 185 1.56 39.63 4.14
CA PRO A 185 0.11 39.41 4.38
C PRO A 185 -0.19 37.92 4.61
N LEU A 186 0.37 37.07 3.77
CA LEU A 186 0.15 35.62 3.88
C LEU A 186 0.53 35.12 5.27
N TYR A 187 1.53 35.75 5.87
CA TYR A 187 1.99 35.36 7.20
C TYR A 187 0.85 35.47 8.23
N GLN A 188 0.09 36.55 8.15
CA GLN A 188 -1.03 36.78 9.06
C GLN A 188 -2.01 35.61 9.00
N ALA A 189 -2.47 35.33 7.78
CA ALA A 189 -3.43 34.25 7.49
C ALA A 189 -3.16 32.97 8.31
N ILE A 190 -1.88 32.59 8.35
CA ILE A 190 -1.45 31.32 8.93
C ILE A 190 -1.62 31.33 10.45
N VAL A 191 -1.02 32.31 11.10
CA VAL A 191 -1.08 32.40 12.56
C VAL A 191 -2.48 32.81 13.04
N ASP A 192 -3.24 33.54 12.20
CA ASP A 192 -4.60 34.01 12.55
C ASP A 192 -5.67 32.94 12.48
N HIS A 193 -5.70 32.21 11.37
CA HIS A 193 -6.74 31.21 11.13
C HIS A 193 -6.31 29.75 11.27
N VAL A 194 -5.02 29.43 11.09
CA VAL A 194 -4.52 28.09 11.39
C VAL A 194 -4.07 28.01 12.85
N PRO A 195 -4.58 27.00 13.60
CA PRO A 195 -4.18 26.81 14.98
C PRO A 195 -2.94 25.93 15.11
N ALA A 196 -2.39 25.88 16.32
CA ALA A 196 -1.29 24.97 16.65
C ALA A 196 -1.85 23.58 16.96
N PRO A 197 -1.10 22.50 16.62
CA PRO A 197 -1.56 21.11 16.88
C PRO A 197 -1.88 20.81 18.34
N ASP A 198 -3.14 20.51 18.63
CA ASP A 198 -3.57 20.20 20.00
C ASP A 198 -3.04 18.79 20.34
N VAL A 199 -1.82 18.77 20.87
CA VAL A 199 -1.15 17.54 21.32
C VAL A 199 -0.34 17.80 22.60
N ASP A 200 -0.21 16.76 23.42
CA ASP A 200 0.34 16.87 24.77
C ASP A 200 1.87 16.84 24.76
N LEU A 201 2.49 17.92 25.24
CA LEU A 201 3.96 18.03 25.32
C LEU A 201 4.59 16.97 26.22
N ASP A 202 3.92 16.69 27.34
CA ASP A 202 4.44 15.85 28.41
C ASP A 202 3.86 14.43 28.32
N GLY A 203 3.95 13.66 29.41
CA GLY A 203 3.54 12.26 29.40
C GLY A 203 4.51 11.42 28.60
N PRO A 204 4.28 10.09 28.52
CA PRO A 204 5.16 9.24 27.73
C PRO A 204 4.98 9.47 26.22
N PHE A 205 6.10 9.39 25.48
CA PHE A 205 6.13 9.68 24.03
C PHE A 205 5.19 8.80 23.18
N GLN A 206 4.55 9.40 22.17
CA GLN A 206 3.74 8.69 21.15
C GLN A 206 3.85 9.40 19.78
N MET A 207 3.91 8.63 18.69
CA MET A 207 3.84 9.19 17.33
C MET A 207 3.35 8.17 16.30
N GLN A 208 2.55 8.66 15.34
CA GLN A 208 2.07 7.88 14.20
C GLN A 208 2.84 8.28 12.94
N ILE A 209 3.32 7.29 12.19
CA ILE A 209 4.07 7.51 10.95
C ILE A 209 3.07 7.86 9.86
N SER A 210 3.25 9.04 9.26
CA SER A 210 2.31 9.56 8.26
C SER A 210 2.85 9.34 6.85
N GLN A 211 4.08 9.79 6.61
CA GLN A 211 4.78 9.60 5.34
C GLN A 211 5.82 8.47 5.50
N LEU A 212 6.58 8.19 4.44
CA LEU A 212 7.60 7.13 4.48
C LEU A 212 8.58 7.23 3.31
N ASP A 213 9.87 7.04 3.59
CA ASP A 213 10.88 6.93 2.53
C ASP A 213 12.12 6.09 2.95
N TYR A 214 12.96 5.76 1.97
CA TYR A 214 14.06 4.80 2.14
C TYR A 214 15.34 5.28 1.47
N ASN A 215 16.48 4.82 1.98
CA ASN A 215 17.79 5.11 1.41
C ASN A 215 18.67 3.86 1.41
N SER A 216 19.59 3.81 0.44
CA SER A 216 20.35 2.59 0.14
C SER A 216 21.28 2.12 1.25
N TYR A 217 21.44 2.92 2.31
CA TYR A 217 22.09 2.41 3.51
C TYR A 217 21.62 3.04 4.85
N VAL A 218 20.48 3.75 4.87
CA VAL A 218 19.88 4.19 6.16
C VAL A 218 19.17 3.02 6.85
N GLY A 219 18.35 2.31 6.07
CA GLY A 219 17.25 1.50 6.58
C GLY A 219 15.99 2.28 6.25
N VAL A 220 14.95 2.03 7.03
CA VAL A 220 13.65 2.66 6.78
C VAL A 220 13.72 4.07 7.40
N ILE A 221 12.85 4.99 6.96
CA ILE A 221 12.75 6.34 7.54
C ILE A 221 11.31 6.75 7.85
N GLY A 222 11.13 7.40 8.99
CA GLY A 222 9.81 7.70 9.52
C GLY A 222 9.12 8.88 8.86
N ILE A 223 9.34 10.05 9.44
CA ILE A 223 8.55 11.27 9.17
C ILE A 223 7.13 11.12 9.74
N GLY A 224 6.74 12.11 10.55
CA GLY A 224 5.43 12.12 11.15
C GLY A 224 5.16 13.40 11.93
N ARG A 225 4.30 13.27 12.92
CA ARG A 225 3.77 14.38 13.70
C ARG A 225 3.67 13.89 15.14
N ILE A 226 4.39 14.55 16.05
CA ILE A 226 4.54 14.03 17.41
C ILE A 226 3.23 14.29 18.16
N LYS A 227 2.57 13.18 18.56
CA LYS A 227 1.28 13.22 19.24
C LYS A 227 1.47 13.43 20.75
N ARG A 228 2.46 12.78 21.34
CA ARG A 228 2.73 12.87 22.78
C ARG A 228 4.23 12.91 23.07
N GLY A 229 4.60 13.55 24.18
CA GLY A 229 5.95 13.47 24.72
C GLY A 229 7.06 14.11 23.90
N LYS A 230 8.27 13.59 24.09
CA LYS A 230 9.50 14.11 23.46
C LYS A 230 10.42 12.95 23.12
N VAL A 231 11.40 13.20 22.25
CA VAL A 231 12.22 12.12 21.67
C VAL A 231 13.73 12.37 21.78
N LYS A 232 14.42 11.47 22.49
CA LYS A 232 15.87 11.49 22.60
C LYS A 232 16.41 10.71 21.39
N PRO A 233 17.60 11.08 20.87
CA PRO A 233 18.14 10.43 19.68
C PRO A 233 18.53 8.98 19.87
N ASN A 234 19.12 8.65 21.00
CA ASN A 234 19.47 7.26 21.33
C ASN A 234 18.54 6.80 22.45
N GLN A 235 17.39 6.25 22.05
CA GLN A 235 16.22 6.08 22.95
C GLN A 235 15.33 4.89 22.56
N GLN A 236 15.21 3.90 23.45
CA GLN A 236 14.44 2.68 23.14
C GLN A 236 12.94 2.92 23.09
N VAL A 237 12.26 2.11 22.27
CA VAL A 237 10.85 2.30 21.93
C VAL A 237 10.17 0.98 21.54
N THR A 238 8.88 1.06 21.27
CA THR A 238 8.06 -0.07 20.87
C THR A 238 7.24 0.29 19.61
N ILE A 239 6.88 -0.71 18.80
CA ILE A 239 6.06 -0.51 17.59
C ILE A 239 4.66 -1.14 17.78
N ILE A 240 3.66 -0.66 17.02
CA ILE A 240 2.23 -0.89 17.32
C ILE A 240 1.39 -1.39 16.14
N ASP A 241 0.36 -2.18 16.49
CA ASP A 241 -0.53 -2.95 15.61
C ASP A 241 -0.08 -4.41 15.74
N SER A 242 1.25 -4.59 15.70
CA SER A 242 1.95 -5.77 16.24
C SER A 242 2.58 -5.38 17.61
N GLU A 243 3.85 -5.76 17.88
CA GLU A 243 4.48 -5.50 19.19
C GLU A 243 6.03 -5.46 19.25
N GLY A 244 6.70 -5.09 18.15
CA GLY A 244 8.18 -5.08 18.09
C GLY A 244 8.80 -4.05 19.02
N LYS A 245 9.98 -4.36 19.56
CA LYS A 245 10.67 -3.46 20.50
C LYS A 245 12.04 -3.14 19.95
N THR A 246 12.04 -2.61 18.73
CA THR A 246 13.26 -2.22 18.03
C THR A 246 13.76 -0.88 18.63
N ARG A 247 15.07 -0.69 18.53
CA ARG A 247 15.77 0.44 19.17
C ARG A 247 16.01 1.56 18.15
N ASN A 248 16.15 2.79 18.67
CA ASN A 248 16.51 3.97 17.87
C ASN A 248 18.00 4.33 17.93
N ALA A 249 18.52 4.89 16.83
CA ALA A 249 19.93 5.30 16.68
C ALA A 249 20.10 6.80 16.35
N LYS A 250 19.53 7.27 15.23
CA LYS A 250 19.66 8.69 14.80
C LYS A 250 18.29 9.37 14.52
N VAL A 251 18.29 10.71 14.57
CA VAL A 251 17.08 11.56 14.38
C VAL A 251 17.39 12.88 13.66
N GLY A 252 16.38 13.50 13.04
CA GLY A 252 16.61 14.73 12.25
C GLY A 252 15.42 15.68 12.11
N LYS A 253 15.70 16.98 12.23
CA LYS A 253 14.71 18.06 12.06
C LYS A 253 14.61 18.47 10.57
N VAL A 254 13.71 19.39 10.25
CA VAL A 254 13.63 20.00 8.91
C VAL A 254 13.86 21.53 8.95
N LEU A 255 14.62 22.04 7.96
CA LEU A 255 14.84 23.49 7.78
C LEU A 255 15.41 23.81 6.39
N GLY A 256 14.79 24.80 5.75
CA GLY A 256 14.96 25.05 4.32
C GLY A 256 14.42 23.85 3.56
N HIS A 257 14.81 23.69 2.30
CA HIS A 257 14.51 22.45 1.57
C HIS A 257 15.23 21.21 2.15
N LEU A 258 15.96 21.38 3.25
CA LEU A 258 16.79 20.33 3.81
C LEU A 258 16.14 19.78 5.06
N GLY A 259 16.35 18.47 5.26
CA GLY A 259 16.15 17.83 6.55
C GLY A 259 17.51 17.80 7.23
N LEU A 260 17.65 18.59 8.29
CA LEU A 260 18.94 18.82 8.95
C LEU A 260 18.97 18.09 10.31
N GLU A 261 20.08 17.44 10.65
CA GLU A 261 20.18 16.65 11.91
C GLU A 261 19.92 17.53 13.13
N ARG A 262 19.32 16.95 14.16
CA ARG A 262 19.10 17.64 15.43
C ARG A 262 19.34 16.66 16.57
N ILE A 263 19.87 17.18 17.68
CA ILE A 263 20.12 16.38 18.88
C ILE A 263 18.76 15.77 19.30
N GLU A 264 17.80 16.63 19.65
CA GLU A 264 16.56 16.19 20.29
C GLU A 264 15.41 17.17 20.07
N THR A 265 14.22 16.60 19.81
CA THR A 265 13.01 17.36 19.45
C THR A 265 11.86 16.97 20.38
N ASP A 266 11.06 17.99 20.71
CA ASP A 266 9.86 17.80 21.52
C ASP A 266 8.70 17.18 20.72
N LEU A 267 7.89 18.02 20.07
CA LEU A 267 6.48 17.70 19.80
C LEU A 267 5.91 18.53 18.65
N ALA A 268 4.80 18.02 18.10
CA ALA A 268 3.96 18.76 17.15
C ALA A 268 4.63 19.16 15.84
N GLU A 269 5.84 18.66 15.60
CA GLU A 269 6.64 19.07 14.45
C GLU A 269 6.58 17.95 13.44
N ALA A 270 6.86 18.31 12.20
CA ALA A 270 7.35 17.33 11.27
C ALA A 270 8.78 16.99 11.73
N GLY A 271 8.86 15.98 12.59
CA GLY A 271 10.13 15.40 13.00
C GLY A 271 10.37 14.16 12.14
N ASP A 272 11.58 14.07 11.57
CA ASP A 272 11.95 12.99 10.64
C ASP A 272 12.95 12.03 11.35
N ILE A 273 12.79 10.71 11.20
CA ILE A 273 13.54 9.73 12.05
C ILE A 273 13.98 8.41 11.36
N VAL A 274 15.14 7.87 11.81
CA VAL A 274 15.77 6.66 11.23
C VAL A 274 16.22 5.59 12.23
N ALA A 275 16.68 4.46 11.68
CA ALA A 275 17.33 3.36 12.38
C ALA A 275 16.39 2.46 13.19
N ILE A 276 15.08 2.67 13.05
CA ILE A 276 14.10 1.80 13.64
C ILE A 276 13.79 0.80 12.55
N THR A 277 14.26 -0.43 12.73
CA THR A 277 13.92 -1.55 11.87
C THR A 277 14.52 -1.43 10.45
N GLU A 281 9.39 -4.44 10.07
CA GLU A 281 10.00 -3.15 9.76
C GLU A 281 9.18 -1.98 10.31
N LEU A 282 9.52 -0.76 9.89
CA LEU A 282 8.70 0.43 10.17
C LEU A 282 7.76 0.69 9.00
N ASN A 283 6.54 1.16 9.26
CA ASN A 283 5.51 1.33 8.20
C ASN A 283 4.60 2.55 8.31
N ILE A 284 3.86 2.79 7.24
CA ILE A 284 2.82 3.84 7.20
C ILE A 284 1.71 3.37 8.11
N SER A 285 1.13 4.31 8.84
CA SER A 285 0.08 4.06 9.84
C SER A 285 0.61 3.39 11.12
N ASP A 286 1.62 2.53 10.99
CA ASP A 286 2.20 1.85 12.14
C ASP A 286 2.55 2.82 13.25
N THR A 287 1.88 2.68 14.39
CA THR A 287 2.11 3.56 15.53
C THR A 287 3.34 3.12 16.32
N VAL A 288 3.94 4.06 17.04
CA VAL A 288 5.13 3.77 17.84
C VAL A 288 5.29 4.79 18.97
N CYS A 289 5.35 4.29 20.20
CA CYS A 289 5.51 5.16 21.36
C CYS A 289 6.67 4.71 22.24
N ASP A 290 6.74 5.26 23.45
CA ASP A 290 7.81 4.90 24.39
C ASP A 290 7.73 3.43 24.77
N THR A 291 8.39 3.08 25.87
CA THR A 291 8.40 1.70 26.35
C THR A 291 7.75 1.59 27.72
N GLN A 292 7.70 2.70 28.43
CA GLN A 292 7.09 2.72 29.76
C GLN A 292 5.79 3.51 29.76
N ASN A 293 4.74 2.89 30.29
CA ASN A 293 3.42 3.52 30.34
C ASN A 293 3.07 4.25 29.05
N VAL A 294 2.64 3.50 28.05
CA VAL A 294 2.27 4.06 26.76
C VAL A 294 1.53 3.04 25.90
N GLU A 295 1.41 3.33 24.61
CA GLU A 295 0.72 2.44 23.68
C GLU A 295 -0.80 2.52 23.87
N ALA A 296 -1.55 2.69 22.78
CA ALA A 296 -0.99 2.81 21.43
C ALA A 296 -1.64 3.97 20.67
N LEU A 297 -1.67 3.85 19.35
CA LEU A 297 -2.26 4.88 18.50
C LEU A 297 -3.17 4.26 17.44
N PRO A 298 -4.42 4.86 17.30
CA PRO A 298 -5.27 4.24 16.27
C PRO A 298 -5.23 5.03 14.97
N ALA A 299 -6.39 5.13 14.31
CA ALA A 299 -6.48 5.87 13.05
C ALA A 299 -5.93 5.05 11.89
N LEU A 300 -6.77 4.21 11.31
CA LEU A 300 -6.35 3.37 10.19
C LEU A 300 -5.88 4.22 9.01
N SER A 301 -6.83 4.74 8.24
CA SER A 301 -8.26 4.50 8.52
C SER A 301 -8.79 3.38 7.60
N VAL A 302 -8.48 3.52 6.31
CA VAL A 302 -8.65 2.45 5.31
C VAL A 302 -7.34 2.31 4.50
N ASP A 303 -6.24 2.21 5.24
CA ASP A 303 -4.90 1.90 4.71
C ASP A 303 -4.46 0.46 5.03
N GLU A 304 -4.90 -0.08 6.18
CA GLU A 304 -4.43 -1.39 6.68
C GLU A 304 -4.69 -2.49 5.65
N PRO A 305 -3.73 -3.40 5.47
CA PRO A 305 -3.87 -4.42 4.45
C PRO A 305 -4.91 -5.49 4.77
N THR A 306 -5.17 -6.33 3.75
CA THR A 306 -6.12 -7.45 3.79
C THR A 306 -5.49 -8.85 3.60
N VAL A 307 -4.38 -8.93 2.86
CA VAL A 307 -3.75 -10.19 2.45
C VAL A 307 -2.29 -10.22 2.93
N SER A 308 -1.72 -11.41 3.06
CA SER A 308 -0.27 -11.54 3.29
C SER A 308 0.33 -12.86 2.79
N MET A 309 1.63 -12.82 2.51
CA MET A 309 2.40 -14.00 2.13
C MET A 309 3.90 -13.72 2.30
N PHE A 310 4.63 -14.71 2.82
CA PHE A 310 6.08 -14.58 3.01
C PHE A 310 6.79 -14.49 1.65
N PHE A 311 7.86 -13.70 1.58
CA PHE A 311 8.73 -13.55 0.40
C PHE A 311 10.09 -14.11 0.77
N CYS A 312 10.51 -15.20 0.13
CA CYS A 312 11.77 -15.87 0.45
C CYS A 312 12.77 -15.84 -0.70
N VAL A 313 14.06 -15.85 -0.38
CA VAL A 313 15.12 -15.93 -1.37
C VAL A 313 15.16 -17.35 -1.89
N ASN A 314 15.38 -17.51 -3.20
CA ASN A 314 15.31 -18.82 -3.84
C ASN A 314 16.42 -19.77 -3.37
N THR A 315 16.03 -20.76 -2.55
CA THR A 315 16.91 -21.85 -2.10
C THR A 315 16.80 -23.13 -2.94
N SER A 316 15.82 -23.19 -3.85
CA SER A 316 15.57 -24.40 -4.67
C SER A 316 16.72 -24.64 -5.67
N PRO A 317 16.74 -25.79 -6.35
CA PRO A 317 17.83 -26.13 -7.27
C PRO A 317 18.01 -25.28 -8.54
N PHE A 318 17.81 -23.96 -8.47
CA PHE A 318 18.25 -23.02 -9.53
C PHE A 318 18.67 -21.66 -8.90
N CYS A 319 19.56 -21.73 -7.90
CA CYS A 319 20.04 -20.56 -7.12
C CYS A 319 21.01 -19.65 -7.90
N GLY A 320 20.45 -18.74 -8.70
CA GLY A 320 21.23 -17.83 -9.55
C GLY A 320 21.39 -18.30 -10.99
N LYS A 321 20.56 -19.25 -11.41
CA LYS A 321 20.66 -19.81 -12.76
C LYS A 321 20.10 -18.82 -13.78
N GLU A 322 18.76 -18.67 -13.81
CA GLU A 322 18.08 -17.85 -14.82
C GLU A 322 18.15 -16.35 -14.53
N GLY A 323 18.22 -16.00 -13.24
CA GLY A 323 18.04 -14.62 -12.76
C GLY A 323 19.28 -13.94 -12.20
N LYS A 324 19.08 -12.69 -11.76
CA LYS A 324 20.17 -11.75 -11.45
C LYS A 324 20.06 -10.96 -10.12
N PHE A 325 19.09 -11.26 -9.26
CA PHE A 325 19.04 -10.62 -7.94
C PHE A 325 18.60 -11.65 -6.89
N VAL A 326 19.57 -12.20 -6.16
CA VAL A 326 19.29 -13.23 -5.14
C VAL A 326 19.64 -12.81 -3.71
N THR A 327 20.81 -12.18 -3.48
CA THR A 327 21.31 -11.89 -2.11
C THR A 327 20.23 -11.11 -1.35
N SER A 328 19.77 -11.66 -0.22
CA SER A 328 18.56 -11.17 0.48
C SER A 328 18.49 -9.66 0.59
N ARG A 329 19.61 -9.03 0.97
CA ARG A 329 19.63 -7.58 1.11
C ARG A 329 19.57 -6.78 -0.21
N GLN A 330 19.49 -7.47 -1.36
CA GLN A 330 18.99 -6.86 -2.61
C GLN A 330 17.45 -6.86 -2.62
N ILE A 331 16.85 -7.98 -2.22
CA ILE A 331 15.39 -8.10 -2.20
C ILE A 331 14.84 -7.12 -1.17
N LEU A 332 15.29 -7.26 0.06
CA LEU A 332 14.95 -6.33 1.14
C LEU A 332 14.97 -4.91 0.59
N ASP A 333 16.13 -4.51 0.09
CA ASP A 333 16.34 -3.20 -0.52
C ASP A 333 15.23 -2.88 -1.52
N ARG A 334 14.96 -3.81 -2.42
CA ARG A 334 13.90 -3.64 -3.43
C ARG A 334 12.50 -3.43 -2.83
N LEU A 335 12.16 -4.21 -1.81
CA LEU A 335 10.82 -4.16 -1.22
C LEU A 335 10.56 -2.83 -0.54
N ASN A 336 11.55 -2.40 0.24
CA ASN A 336 11.54 -1.10 0.88
C ASN A 336 11.26 0.06 -0.08
N LYS A 337 11.99 0.07 -1.21
CA LYS A 337 11.85 1.13 -2.22
C LYS A 337 10.41 1.28 -2.71
N GLU A 338 9.70 0.16 -2.85
CA GLU A 338 8.27 0.22 -3.17
C GLU A 338 7.44 0.87 -2.04
N LEU A 339 7.81 0.60 -0.79
CA LEU A 339 7.10 1.17 0.39
C LEU A 339 7.08 2.70 0.50
N VAL A 340 7.84 3.37 -0.36
CA VAL A 340 7.69 4.78 -0.59
C VAL A 340 6.46 5.02 -1.49
N HIS A 341 6.44 4.41 -2.68
CA HIS A 341 5.34 4.61 -3.65
C HIS A 341 4.04 3.98 -3.18
N ASN A 342 4.12 2.69 -2.85
CA ASN A 342 2.95 1.94 -2.38
C ASN A 342 2.54 2.28 -0.96
N VAL A 343 1.50 3.09 -0.83
CA VAL A 343 0.95 3.40 0.48
C VAL A 343 0.07 2.23 0.95
N ALA A 344 -0.49 1.48 0.02
CA ALA A 344 -1.27 0.29 0.36
C ALA A 344 -0.40 -0.96 0.37
N LEU A 345 0.72 -0.88 1.08
CA LEU A 345 1.64 -2.01 1.24
C LEU A 345 2.26 -1.97 2.63
N ARG A 346 2.61 -3.14 3.14
CA ARG A 346 3.05 -3.30 4.52
C ARG A 346 4.02 -4.47 4.52
N VAL A 347 5.28 -4.19 4.85
CA VAL A 347 6.32 -5.21 4.84
C VAL A 347 6.92 -5.32 6.23
N GLU A 348 6.97 -6.56 6.73
CA GLU A 348 7.52 -6.87 8.06
C GLU A 348 8.54 -8.02 7.95
N GLU A 349 9.50 -8.01 8.87
CA GLU A 349 10.68 -8.91 8.81
C GLU A 349 10.59 -10.03 9.85
N THR A 350 11.04 -11.22 9.46
CA THR A 350 10.82 -12.45 10.22
C THR A 350 11.93 -12.74 11.22
N GLU A 351 11.81 -13.86 11.94
CA GLU A 351 12.92 -14.42 12.70
C GLU A 351 14.01 -14.91 11.74
N ASP A 352 13.60 -15.61 10.67
CA ASP A 352 14.50 -16.09 9.63
C ASP A 352 14.99 -14.90 8.80
N ALA A 353 16.29 -14.90 8.49
CA ALA A 353 16.90 -13.80 7.75
C ALA A 353 16.38 -13.70 6.33
N ASP A 354 16.41 -14.80 5.60
CA ASP A 354 16.10 -14.84 4.15
C ASP A 354 14.61 -15.02 3.86
N ALA A 355 13.77 -14.22 4.53
CA ALA A 355 12.30 -14.33 4.41
C ALA A 355 11.60 -13.06 4.96
N PHE A 356 10.53 -12.64 4.29
CA PHE A 356 9.82 -11.39 4.64
C PHE A 356 8.32 -11.49 4.42
N ARG A 357 7.55 -11.33 5.49
CA ARG A 357 6.09 -11.28 5.37
C ARG A 357 5.70 -9.95 4.73
N VAL A 358 5.32 -10.01 3.46
CA VAL A 358 4.78 -8.86 2.74
C VAL A 358 3.24 -8.96 2.74
N SER A 359 2.60 -7.82 2.98
CA SER A 359 1.14 -7.72 3.04
C SER A 359 0.65 -6.44 2.33
N GLY A 360 -0.45 -6.54 1.59
CA GLY A 360 -1.06 -5.40 0.87
C GLY A 360 -2.58 -5.44 0.80
N ARG A 361 -3.20 -4.33 0.38
CA ARG A 361 -4.68 -4.22 0.32
C ARG A 361 -5.27 -4.87 -0.93
N GLY A 362 -4.97 -6.16 -1.10
CA GLY A 362 -5.31 -6.91 -2.30
C GLY A 362 -4.25 -7.92 -2.68
N GLU A 363 -4.70 -9.09 -3.14
CA GLU A 363 -3.86 -10.15 -3.77
C GLU A 363 -3.32 -9.68 -5.13
N LEU A 364 -4.14 -8.98 -5.90
CA LEU A 364 -3.75 -8.37 -7.18
C LEU A 364 -2.71 -7.24 -6.95
N HIS A 365 -2.86 -6.52 -5.84
CA HIS A 365 -1.90 -5.46 -5.44
C HIS A 365 -0.51 -6.00 -5.11
N LEU A 366 -0.43 -7.25 -4.65
CA LEU A 366 0.85 -7.91 -4.36
C LEU A 366 1.47 -8.57 -5.60
N SER A 367 0.66 -9.28 -6.40
CA SER A 367 1.14 -9.94 -7.61
C SER A 367 1.83 -8.97 -8.56
N VAL A 368 1.34 -7.71 -8.56
CA VAL A 368 2.04 -6.57 -9.17
C VAL A 368 3.52 -6.62 -8.75
N LEU A 369 3.76 -6.45 -7.44
CA LEU A 369 5.12 -6.41 -6.88
C LEU A 369 5.96 -7.61 -7.30
N ILE A 370 5.35 -8.80 -7.28
CA ILE A 370 6.05 -10.01 -7.63
C ILE A 370 6.41 -9.98 -9.10
N GLU A 371 5.42 -9.96 -9.98
CA GLU A 371 5.71 -10.06 -11.41
C GLU A 371 6.46 -8.86 -11.95
N ASN A 372 6.31 -7.69 -11.30
CA ASN A 372 7.12 -6.54 -11.67
C ASN A 372 8.57 -6.86 -11.33
N MET A 373 8.80 -7.39 -10.12
CA MET A 373 10.13 -7.85 -9.70
C MET A 373 10.62 -9.04 -10.51
N ARG A 374 9.68 -9.92 -10.86
CA ARG A 374 9.96 -11.07 -11.71
C ARG A 374 10.74 -10.63 -12.97
N ARG A 375 10.23 -9.62 -13.70
CA ARG A 375 10.88 -9.14 -14.94
C ARG A 375 11.87 -7.95 -14.78
N GLU A 376 12.24 -7.62 -13.55
CA GLU A 376 13.48 -6.86 -13.26
C GLU A 376 14.67 -7.79 -13.16
N GLY A 377 14.38 -9.09 -13.03
CA GLY A 377 15.39 -10.14 -12.97
C GLY A 377 15.58 -10.73 -11.58
N PHE A 378 14.48 -10.95 -10.84
CA PHE A 378 14.57 -11.45 -9.46
C PHE A 378 14.31 -12.96 -9.34
N GLU A 379 15.22 -13.64 -8.64
CA GLU A 379 15.01 -15.01 -8.22
C GLU A 379 14.65 -14.98 -6.74
N LEU A 380 13.41 -15.34 -6.47
CA LEU A 380 12.87 -15.45 -5.12
C LEU A 380 11.62 -16.35 -5.18
N ALA A 381 11.14 -16.76 -4.01
CA ALA A 381 9.92 -17.54 -3.90
C ALA A 381 8.99 -16.92 -2.86
N VAL A 382 7.73 -17.32 -2.92
CA VAL A 382 6.69 -16.79 -2.02
C VAL A 382 5.76 -17.88 -1.49
N SER A 383 5.24 -17.65 -0.27
CA SER A 383 4.33 -18.57 0.40
C SER A 383 2.88 -18.34 -0.03
N ARG A 384 1.96 -19.16 0.48
CA ARG A 384 0.55 -19.08 0.11
C ARG A 384 -0.07 -17.79 0.61
N PRO A 385 -0.99 -17.21 -0.17
CA PRO A 385 -1.72 -16.07 0.36
C PRO A 385 -2.56 -16.45 1.58
N LYS A 386 -2.06 -16.10 2.76
CA LYS A 386 -2.84 -16.22 3.98
C LYS A 386 -3.56 -14.88 4.19
N VAL A 387 -4.84 -14.94 4.56
CA VAL A 387 -5.67 -13.74 4.76
C VAL A 387 -5.29 -13.02 6.06
N ILE A 388 -5.47 -11.70 6.11
CA ILE A 388 -5.30 -10.94 7.37
C ILE A 388 -6.61 -11.00 8.15
N PHE A 389 -6.71 -11.95 9.09
CA PHE A 389 -7.85 -12.04 10.00
C PHE A 389 -7.68 -10.97 11.10
N ARG A 390 -7.89 -9.70 10.71
CA ARG A 390 -7.83 -8.55 11.63
C ARG A 390 -9.12 -8.55 12.46
N GLU A 391 -9.15 -7.70 13.48
CA GLU A 391 -10.21 -7.77 14.49
C GLU A 391 -10.86 -6.41 14.64
N ILE A 392 -12.19 -6.37 14.52
CA ILE A 392 -12.98 -5.18 14.85
C ILE A 392 -14.10 -5.61 15.81
N ASP A 393 -13.85 -5.43 17.11
CA ASP A 393 -14.83 -5.65 18.19
C ASP A 393 -15.33 -7.09 18.32
N GLY A 394 -14.76 -7.83 19.27
CA GLY A 394 -15.23 -9.20 19.56
C GLY A 394 -14.89 -10.23 18.50
N ARG A 395 -15.64 -10.22 17.39
CA ARG A 395 -15.47 -11.20 16.32
C ARG A 395 -14.17 -10.99 15.53
N LYS A 396 -13.45 -12.08 15.27
CA LYS A 396 -12.23 -12.05 14.46
C LYS A 396 -12.60 -11.89 12.98
N GLN A 397 -12.85 -10.64 12.59
CA GLN A 397 -13.46 -10.34 11.29
C GLN A 397 -12.51 -10.55 10.10
N GLU A 398 -12.59 -11.71 9.45
CA GLU A 398 -11.84 -11.94 8.21
C GLU A 398 -12.53 -11.23 7.05
N PRO A 399 -11.77 -10.73 6.07
CA PRO A 399 -12.33 -9.83 5.09
C PRO A 399 -13.23 -10.52 4.07
N TYR A 400 -14.07 -9.72 3.43
CA TYR A 400 -15.00 -10.18 2.38
C TYR A 400 -14.87 -9.30 1.12
N GLU A 401 -15.46 -9.74 0.01
CA GLU A 401 -15.45 -8.97 -1.25
C GLU A 401 -16.74 -9.11 -2.07
N ASN A 402 -17.00 -8.09 -2.91
CA ASN A 402 -18.20 -8.01 -3.76
C ASN A 402 -17.91 -8.59 -5.14
N VAL A 403 -18.31 -9.84 -5.35
CA VAL A 403 -18.03 -10.53 -6.62
C VAL A 403 -19.10 -10.23 -7.65
N THR A 404 -18.65 -10.04 -8.88
CA THR A 404 -19.50 -9.94 -10.07
C THR A 404 -18.96 -10.96 -11.08
N LEU A 405 -19.81 -11.90 -11.53
CA LEU A 405 -19.43 -12.90 -12.53
C LEU A 405 -20.53 -13.11 -13.57
N ASP A 406 -20.11 -13.21 -14.84
CA ASP A 406 -21.00 -13.26 -15.99
C ASP A 406 -20.69 -14.51 -16.79
N VAL A 407 -21.70 -15.37 -16.98
CA VAL A 407 -21.52 -16.69 -17.60
C VAL A 407 -22.71 -17.11 -18.45
N GLU A 408 -22.46 -18.01 -19.41
CA GLU A 408 -23.54 -18.73 -20.11
C GLU A 408 -24.37 -19.57 -19.14
N GLU A 409 -25.65 -19.74 -19.45
CA GLU A 409 -26.64 -20.29 -18.51
C GLU A 409 -26.38 -21.70 -17.98
N GLN A 410 -25.87 -22.59 -18.82
CA GLN A 410 -25.65 -24.00 -18.41
C GLN A 410 -24.38 -24.17 -17.56
N HIS A 411 -23.52 -23.14 -17.54
CA HIS A 411 -22.38 -23.09 -16.61
C HIS A 411 -22.84 -22.81 -15.18
N GLN A 412 -23.89 -21.97 -15.03
CA GLN A 412 -24.39 -21.50 -13.73
C GLN A 412 -24.55 -22.58 -12.66
N GLY A 413 -25.09 -23.74 -13.06
CA GLY A 413 -25.24 -24.89 -12.17
C GLY A 413 -23.97 -25.25 -11.41
N SER A 414 -22.85 -25.35 -12.13
CA SER A 414 -21.52 -25.64 -11.54
C SER A 414 -20.87 -24.42 -10.86
N VAL A 415 -21.22 -23.22 -11.32
CA VAL A 415 -20.74 -21.97 -10.75
C VAL A 415 -21.35 -21.79 -9.35
N MET A 416 -22.69 -21.68 -9.31
CA MET A 416 -23.42 -21.52 -8.05
C MET A 416 -22.98 -22.59 -7.05
N GLN A 417 -23.01 -23.85 -7.51
CA GLN A 417 -22.63 -25.03 -6.71
C GLN A 417 -21.31 -24.88 -5.94
N ALA A 418 -20.25 -24.47 -6.65
CA ALA A 418 -18.93 -24.35 -6.04
C ALA A 418 -18.86 -23.23 -4.99
N LEU A 419 -19.62 -22.15 -5.20
CA LEU A 419 -19.60 -20.98 -4.32
C LEU A 419 -20.37 -21.11 -3.01
N GLY A 420 -21.50 -21.82 -3.03
CA GLY A 420 -22.22 -22.20 -1.81
C GLY A 420 -21.46 -23.19 -0.93
N GLU A 421 -20.45 -23.84 -1.52
CA GLU A 421 -19.40 -24.60 -0.80
C GLU A 421 -18.19 -23.72 -0.39
N ARG A 422 -18.00 -22.58 -1.06
CA ARG A 422 -17.02 -21.56 -0.63
C ARG A 422 -17.52 -20.60 0.47
N LYS A 423 -18.64 -20.91 1.12
CA LYS A 423 -19.30 -19.98 2.05
C LYS A 423 -19.52 -18.60 1.43
N GLY A 424 -19.83 -18.58 0.14
CA GLY A 424 -20.09 -17.37 -0.63
C GLY A 424 -21.58 -17.08 -0.70
N ASP A 425 -22.02 -16.05 0.01
CA ASP A 425 -23.43 -15.64 0.04
C ASP A 425 -23.80 -14.91 -1.25
N LEU A 426 -24.95 -15.24 -1.83
CA LEU A 426 -25.46 -14.55 -3.04
C LEU A 426 -26.29 -13.33 -2.67
N LYS A 427 -26.27 -12.33 -3.55
CA LYS A 427 -27.04 -11.11 -3.37
C LYS A 427 -28.09 -10.99 -4.47
N ASN A 428 -27.67 -10.78 -5.73
CA ASN A 428 -28.60 -10.58 -6.86
C ASN A 428 -28.07 -11.29 -8.12
N MET A 429 -28.99 -11.82 -8.92
CA MET A 429 -28.63 -12.50 -10.17
C MET A 429 -29.59 -12.12 -11.29
N ASN A 430 -29.54 -10.83 -11.64
CA ASN A 430 -30.40 -10.24 -12.68
C ASN A 430 -30.14 -10.82 -14.08
N PRO A 431 -31.05 -11.68 -14.59
CA PRO A 431 -30.79 -12.34 -15.86
C PRO A 431 -31.07 -11.41 -17.05
N ASP A 432 -30.09 -11.24 -17.93
CA ASP A 432 -30.23 -10.33 -19.09
C ASP A 432 -31.14 -10.84 -20.22
N GLY A 433 -31.49 -12.12 -20.20
CA GLY A 433 -32.44 -12.69 -21.15
C GLY A 433 -31.96 -12.79 -22.59
N LYS A 434 -30.64 -12.75 -22.80
CA LYS A 434 -30.03 -12.85 -24.13
C LYS A 434 -29.26 -14.17 -24.32
N GLY A 435 -29.50 -15.16 -23.45
CA GLY A 435 -28.72 -16.42 -23.42
C GLY A 435 -27.66 -16.50 -22.32
N ARG A 436 -27.38 -15.37 -21.64
CA ARG A 436 -26.41 -15.29 -20.51
C ARG A 436 -27.14 -15.02 -19.18
N VAL A 437 -26.37 -14.97 -18.10
CA VAL A 437 -26.84 -14.48 -16.78
C VAL A 437 -25.68 -13.76 -16.06
N ARG A 438 -26.02 -12.68 -15.36
CA ARG A 438 -25.08 -11.97 -14.46
C ARG A 438 -25.39 -12.38 -13.02
N LEU A 439 -24.36 -12.80 -12.29
CA LEU A 439 -24.50 -13.21 -10.90
C LEU A 439 -23.64 -12.30 -10.05
N ASP A 440 -24.14 -11.90 -8.89
CA ASP A 440 -23.43 -10.95 -8.00
C ASP A 440 -23.44 -11.43 -6.55
N TYR A 441 -22.28 -11.90 -6.08
CA TYR A 441 -22.13 -12.46 -4.73
C TYR A 441 -21.40 -11.52 -3.75
N VAL A 442 -21.50 -11.88 -2.48
CA VAL A 442 -20.60 -11.39 -1.43
C VAL A 442 -19.88 -12.64 -0.91
N ILE A 443 -18.56 -12.70 -1.09
CA ILE A 443 -17.80 -13.90 -0.72
C ILE A 443 -16.70 -13.50 0.26
N PRO A 444 -16.30 -14.42 1.17
CA PRO A 444 -15.12 -14.18 1.99
C PRO A 444 -13.80 -14.32 1.22
N SER A 445 -12.81 -13.54 1.63
CA SER A 445 -11.51 -13.55 0.98
C SER A 445 -10.90 -14.93 1.10
N ARG A 446 -10.87 -15.47 2.31
CA ARG A 446 -10.29 -16.80 2.57
C ARG A 446 -10.88 -17.93 1.72
N GLY A 447 -12.09 -17.73 1.20
CA GLY A 447 -12.72 -18.67 0.28
C GLY A 447 -12.77 -18.27 -1.19
N LEU A 448 -12.12 -17.15 -1.55
CA LEU A 448 -11.93 -16.77 -2.95
C LEU A 448 -10.60 -17.32 -3.51
N ILE A 449 -9.75 -17.84 -2.62
CA ILE A 449 -8.46 -18.41 -3.01
C ILE A 449 -8.66 -19.70 -3.80
N GLY A 450 -8.51 -19.56 -5.12
CA GLY A 450 -8.38 -20.70 -6.03
C GLY A 450 -9.34 -20.56 -7.19
N PHE A 451 -10.49 -19.96 -6.93
CA PHE A 451 -11.67 -20.08 -7.80
C PHE A 451 -11.49 -19.60 -9.25
N ARG A 452 -10.64 -18.61 -9.47
CA ARG A 452 -10.40 -18.12 -10.84
C ARG A 452 -9.53 -19.04 -11.72
N SER A 453 -9.14 -20.21 -11.21
CA SER A 453 -8.72 -21.33 -12.07
C SER A 453 -9.95 -22.01 -12.64
N GLU A 454 -10.70 -22.70 -11.78
CA GLU A 454 -11.82 -23.53 -12.24
C GLU A 454 -13.10 -22.76 -12.56
N PHE A 455 -13.09 -21.44 -12.42
CA PHE A 455 -14.10 -20.60 -13.07
C PHE A 455 -13.83 -20.57 -14.57
N MET A 456 -12.56 -20.51 -14.94
CA MET A 456 -12.18 -20.54 -16.36
C MET A 456 -12.27 -21.97 -16.94
N THR A 457 -12.20 -23.00 -16.08
CA THR A 457 -12.38 -24.42 -16.50
C THR A 457 -13.84 -24.89 -16.55
N MET A 458 -14.67 -24.42 -15.62
CA MET A 458 -16.10 -24.72 -15.63
C MET A 458 -16.76 -24.10 -16.88
N THR A 459 -16.54 -22.80 -17.06
CA THR A 459 -17.12 -22.06 -18.20
C THR A 459 -16.38 -22.28 -19.53
N SER A 460 -15.15 -22.81 -19.45
CA SER A 460 -14.30 -23.07 -20.62
C SER A 460 -13.82 -21.78 -21.33
N GLY A 461 -13.70 -20.68 -20.58
CA GLY A 461 -13.22 -19.40 -21.12
C GLY A 461 -14.30 -18.35 -21.31
N THR A 462 -15.53 -18.76 -21.64
CA THR A 462 -16.67 -17.84 -21.80
C THR A 462 -17.19 -17.29 -20.46
N GLY A 463 -16.56 -17.70 -19.35
CA GLY A 463 -16.75 -17.06 -18.06
C GLY A 463 -15.75 -15.93 -17.93
N LEU A 464 -16.28 -14.74 -17.69
CA LEU A 464 -15.48 -13.56 -17.45
C LEU A 464 -15.84 -13.04 -16.07
N LEU A 465 -14.83 -12.92 -15.19
CA LEU A 465 -15.02 -12.26 -13.90
C LEU A 465 -13.74 -11.60 -13.34
N TYR A 466 -13.95 -10.35 -12.86
CA TYR A 466 -13.10 -9.67 -11.90
C TYR A 466 -13.99 -9.32 -10.71
N SER A 467 -13.44 -8.60 -9.74
CA SER A 467 -14.17 -8.29 -8.52
C SER A 467 -13.53 -7.10 -7.81
N THR A 468 -14.02 -6.79 -6.60
CA THR A 468 -13.52 -5.70 -5.77
C THR A 468 -13.61 -6.02 -4.27
N PHE A 469 -12.65 -5.55 -3.48
CA PHE A 469 -12.63 -5.69 -2.01
C PHE A 469 -13.69 -4.80 -1.37
N SER A 470 -14.42 -5.34 -0.38
CA SER A 470 -15.53 -4.61 0.26
C SER A 470 -15.25 -4.28 1.73
N HIS A 471 -15.28 -5.29 2.59
CA HIS A 471 -15.03 -5.10 4.02
C HIS A 471 -14.89 -6.43 4.74
N TYR A 472 -14.40 -6.38 5.97
CA TYR A 472 -14.22 -7.58 6.78
C TYR A 472 -15.51 -8.00 7.46
N ASP A 473 -15.61 -9.28 7.80
CA ASP A 473 -16.80 -9.82 8.45
C ASP A 473 -16.44 -10.92 9.43
N ASP A 474 -17.33 -11.19 10.37
CA ASP A 474 -17.11 -12.23 11.38
C ASP A 474 -16.66 -13.53 10.72
N VAL A 475 -16.23 -14.48 11.55
CA VAL A 475 -15.78 -15.77 11.06
C VAL A 475 -16.73 -16.34 10.00
N ARG A 476 -16.18 -17.09 9.06
CA ARG A 476 -16.98 -17.69 7.99
C ARG A 476 -18.28 -18.31 8.55
N PRO A 477 -18.21 -19.21 9.62
CA PRO A 477 -16.88 -19.51 10.17
C PRO A 477 -16.34 -20.84 9.65
N GLY A 478 -15.48 -21.47 10.43
CA GLY A 478 -14.90 -22.75 10.05
C GLY A 478 -14.05 -22.64 8.80
N GLU A 479 -12.73 -22.51 9.00
CA GLU A 479 -11.80 -22.40 7.87
C GLU A 479 -12.07 -23.46 6.82
N VAL A 480 -12.53 -23.03 5.65
CA VAL A 480 -12.83 -23.94 4.55
C VAL A 480 -12.34 -23.39 3.22
N GLY A 481 -11.20 -22.71 3.24
CA GLY A 481 -10.63 -22.13 2.04
C GLY A 481 -9.55 -22.99 1.44
N GLN A 482 -9.55 -24.28 1.78
CA GLN A 482 -8.57 -25.21 1.27
C GLN A 482 -8.90 -25.64 -0.16
N ARG A 483 -8.05 -26.49 -0.73
CA ARG A 483 -8.26 -26.97 -2.08
C ARG A 483 -8.27 -28.50 -2.13
N GLN A 484 -7.11 -29.09 -2.39
CA GLN A 484 -6.99 -30.55 -2.46
C GLN A 484 -7.73 -31.11 -3.67
N ASN A 485 -7.31 -32.27 -4.16
CA ASN A 485 -6.19 -33.03 -3.60
C ASN A 485 -4.87 -32.29 -3.75
N GLY A 486 -3.77 -32.99 -3.51
CA GLY A 486 -2.44 -32.41 -3.62
C GLY A 486 -1.94 -32.38 -5.05
N VAL A 487 -0.69 -32.78 -5.24
CA VAL A 487 -0.08 -32.81 -6.56
C VAL A 487 1.01 -33.87 -6.65
N LEU A 488 1.55 -34.06 -7.85
CA LEU A 488 2.59 -35.04 -8.08
C LEU A 488 3.98 -34.43 -7.91
N ILE A 489 4.68 -34.84 -6.87
CA ILE A 489 6.03 -34.33 -6.60
C ILE A 489 7.03 -35.28 -7.27
N SER A 490 8.18 -34.75 -7.68
CA SER A 490 9.21 -35.53 -8.41
C SER A 490 10.48 -35.83 -7.56
N ASN A 491 11.31 -36.75 -8.04
CA ASN A 491 12.47 -37.26 -7.27
C ASN A 491 13.84 -37.27 -8.00
N GLY A 492 13.97 -36.54 -9.10
CA GLY A 492 15.23 -36.47 -9.86
C GLY A 492 15.37 -35.17 -10.64
N GLN A 493 16.61 -34.85 -11.02
CA GLN A 493 16.93 -33.58 -11.71
C GLN A 493 17.06 -33.70 -13.24
N GLY A 494 16.81 -34.90 -13.79
CA GLY A 494 16.89 -35.13 -15.24
C GLY A 494 15.69 -34.57 -15.99
N LYS A 495 15.53 -34.98 -17.24
CA LYS A 495 14.46 -34.46 -18.12
C LYS A 495 13.25 -35.40 -18.25
N ALA A 496 12.06 -34.80 -18.36
CA ALA A 496 10.80 -35.53 -18.46
C ALA A 496 10.68 -36.18 -19.82
N VAL A 497 10.23 -37.43 -19.82
CA VAL A 497 10.24 -38.30 -20.99
C VAL A 497 8.82 -38.81 -21.25
N ALA A 498 8.48 -39.05 -22.52
CA ALA A 498 7.20 -39.70 -22.88
C ALA A 498 7.10 -41.11 -22.29
N PHE A 499 8.26 -41.75 -22.07
CA PHE A 499 8.36 -43.03 -21.35
C PHE A 499 7.94 -43.02 -19.87
N ALA A 500 7.91 -41.84 -19.24
CA ALA A 500 7.37 -41.69 -17.88
C ALA A 500 6.10 -40.81 -17.81
N LEU A 501 6.05 -39.72 -18.57
CA LEU A 501 4.95 -38.74 -18.46
C LEU A 501 3.59 -39.24 -18.98
N PHE A 502 3.59 -39.97 -20.10
CA PHE A 502 2.34 -40.54 -20.67
C PHE A 502 1.75 -41.62 -19.74
N GLY A 503 2.59 -42.21 -18.89
CA GLY A 503 2.16 -43.10 -17.81
C GLY A 503 1.75 -42.37 -16.53
N LEU A 504 2.54 -41.38 -16.13
CA LEU A 504 2.24 -40.58 -14.93
C LEU A 504 0.99 -39.74 -15.08
N GLN A 505 0.62 -39.39 -16.32
CA GLN A 505 -0.61 -38.65 -16.59
C GLN A 505 -1.88 -39.52 -16.52
N ASP A 506 -1.74 -40.83 -16.32
CA ASP A 506 -2.85 -41.69 -15.89
C ASP A 506 -3.01 -41.73 -14.35
N ARG A 507 -2.38 -40.77 -13.67
CA ARG A 507 -2.69 -40.42 -12.29
C ARG A 507 -3.47 -39.08 -12.22
N GLY A 508 -3.29 -38.21 -13.23
CA GLY A 508 -3.95 -36.89 -13.30
C GLY A 508 -3.30 -35.99 -14.35
N LYS A 509 -3.71 -34.72 -14.42
CA LYS A 509 -3.15 -33.77 -15.40
C LYS A 509 -1.71 -33.33 -15.06
N LEU A 510 -0.98 -32.82 -16.05
CA LEU A 510 0.46 -32.56 -15.93
C LEU A 510 0.81 -31.10 -16.22
N PHE A 511 1.78 -30.55 -15.46
CA PHE A 511 2.24 -29.15 -15.63
C PHE A 511 3.41 -28.98 -16.61
N LEU A 512 4.01 -30.10 -17.03
CA LEU A 512 5.13 -30.10 -17.99
C LEU A 512 4.90 -31.12 -19.11
N GLY A 513 5.65 -30.95 -20.19
CA GLY A 513 5.57 -31.83 -21.37
C GLY A 513 6.89 -32.55 -21.60
N HIS A 514 7.16 -32.85 -22.86
CA HIS A 514 8.33 -33.64 -23.26
C HIS A 514 9.60 -32.77 -23.20
N GLY A 515 10.37 -32.94 -22.12
CA GLY A 515 11.70 -32.33 -21.99
C GLY A 515 11.74 -31.04 -21.17
N ALA A 516 12.20 -31.15 -19.93
CA ALA A 516 12.41 -30.00 -19.03
C ALA A 516 13.03 -30.51 -17.73
N GLU A 517 14.14 -29.90 -17.28
CA GLU A 517 14.86 -30.41 -16.09
C GLU A 517 14.34 -29.79 -14.78
N VAL A 518 13.55 -30.56 -14.06
CA VAL A 518 13.03 -30.16 -12.75
C VAL A 518 14.05 -30.59 -11.68
N TYR A 519 13.57 -30.99 -10.50
CA TYR A 519 14.43 -31.43 -9.40
C TYR A 519 13.63 -32.21 -8.33
N GLU A 520 14.30 -32.67 -7.28
CA GLU A 520 13.60 -33.24 -6.11
C GLU A 520 12.81 -32.14 -5.37
N GLY A 521 11.47 -32.21 -5.47
CA GLY A 521 10.57 -31.23 -4.85
C GLY A 521 9.60 -30.53 -5.78
N GLN A 522 9.98 -30.33 -7.05
CA GLN A 522 9.17 -29.59 -8.04
C GLN A 522 7.90 -30.34 -8.45
N ILE A 523 6.75 -29.87 -7.95
CA ILE A 523 5.47 -30.43 -8.34
C ILE A 523 5.30 -30.24 -9.84
N ILE A 524 5.30 -31.35 -10.58
CA ILE A 524 5.15 -31.35 -12.03
C ILE A 524 3.72 -31.71 -12.49
N GLY A 525 2.77 -31.87 -11.56
CA GLY A 525 1.37 -32.18 -11.91
C GLY A 525 0.49 -32.46 -10.71
N ILE A 526 -0.78 -32.82 -10.97
CA ILE A 526 -1.78 -33.12 -9.93
C ILE A 526 -2.10 -34.62 -9.92
N HIS A 527 -2.38 -35.20 -8.74
CA HIS A 527 -2.95 -36.57 -8.65
C HIS A 527 -4.47 -36.49 -8.95
N SER A 528 -5.15 -37.63 -9.13
CA SER A 528 -6.61 -37.66 -9.26
C SER A 528 -7.40 -37.64 -7.93
N ARG A 529 -6.70 -37.83 -6.81
CA ARG A 529 -7.29 -37.84 -5.46
C ARG A 529 -6.24 -37.41 -4.43
N SER A 530 -6.65 -37.19 -3.18
CA SER A 530 -5.82 -36.55 -2.11
C SER A 530 -4.37 -37.01 -1.91
N ASN A 531 -3.99 -38.12 -2.56
CA ASN A 531 -2.60 -38.60 -2.61
C ASN A 531 -1.57 -37.58 -3.13
N ASP A 532 -0.51 -37.37 -2.34
CA ASP A 532 0.76 -36.82 -2.82
C ASP A 532 1.69 -37.99 -3.17
N LEU A 533 2.39 -37.88 -4.29
CA LEU A 533 3.33 -38.93 -4.74
C LEU A 533 4.71 -38.34 -5.07
N THR A 534 5.74 -39.18 -4.94
CA THR A 534 7.14 -38.78 -5.12
C THR A 534 7.73 -39.52 -6.35
N VAL A 535 7.22 -39.18 -7.55
CA VAL A 535 7.40 -39.98 -8.79
C VAL A 535 8.69 -39.73 -9.59
N ASN A 536 8.96 -40.60 -10.58
CA ASN A 536 10.12 -40.49 -11.47
C ASN A 536 9.69 -40.19 -12.91
N CYS A 537 10.14 -39.04 -13.43
CA CYS A 537 9.82 -38.60 -14.80
C CYS A 537 10.82 -39.08 -15.87
N LEU A 538 11.89 -39.78 -15.46
CA LEU A 538 13.03 -40.04 -16.31
C LEU A 538 12.94 -41.38 -17.03
N THR A 539 12.63 -42.45 -16.29
CA THR A 539 12.62 -43.81 -16.85
C THR A 539 11.39 -44.05 -17.73
N LEU A 557 1.98 -37.57 -25.97
CA LEU A 557 1.73 -36.95 -24.67
C LEU A 557 0.61 -35.94 -24.74
N VAL A 558 -0.02 -35.69 -23.59
CA VAL A 558 -1.11 -34.71 -23.48
C VAL A 558 -0.46 -33.33 -23.40
N PRO A 559 -1.10 -32.32 -24.01
CA PRO A 559 -0.66 -30.94 -23.78
C PRO A 559 -0.81 -30.54 -22.29
N PRO A 560 0.26 -30.06 -21.63
CA PRO A 560 0.19 -29.76 -20.19
C PRO A 560 -0.60 -28.47 -19.80
N ILE A 561 -0.51 -28.05 -18.53
CA ILE A 561 -1.23 -26.85 -18.00
C ILE A 561 -0.33 -25.60 -17.90
N ARG A 562 -0.64 -24.59 -18.72
CA ARG A 562 0.07 -23.29 -18.72
C ARG A 562 -0.35 -22.44 -17.51
N MET A 563 0.25 -22.75 -16.35
CA MET A 563 -0.15 -22.15 -15.06
C MET A 563 0.56 -20.82 -14.81
N THR A 564 -0.25 -19.76 -14.63
CA THR A 564 0.26 -18.37 -14.47
C THR A 564 0.92 -18.13 -13.10
N LEU A 565 1.42 -16.91 -12.90
CA LEU A 565 1.89 -16.45 -11.59
C LEU A 565 0.77 -16.48 -10.56
N GLU A 566 -0.40 -16.00 -10.98
CA GLU A 566 -1.55 -15.92 -10.09
C GLU A 566 -2.03 -17.33 -9.74
N GLN A 567 -2.23 -18.14 -10.79
CA GLN A 567 -2.73 -19.51 -10.67
C GLN A 567 -1.76 -20.46 -9.92
N ALA A 568 -0.50 -20.07 -9.78
CA ALA A 568 0.45 -20.79 -8.93
C ALA A 568 0.24 -20.42 -7.47
N LEU A 569 0.20 -19.12 -7.18
CA LEU A 569 0.04 -18.63 -5.81
C LEU A 569 -1.29 -19.07 -5.24
N GLU A 570 -2.33 -18.79 -6.01
CA GLU A 570 -3.70 -19.08 -5.64
C GLU A 570 -3.97 -20.56 -5.97
N PHE A 571 -3.25 -21.44 -5.28
CA PHE A 571 -3.26 -22.89 -5.55
C PHE A 571 -2.52 -23.65 -4.46
N ILE A 572 -1.23 -23.32 -4.29
CA ILE A 572 -0.36 -24.00 -3.32
C ILE A 572 -0.95 -24.15 -1.92
N ASP A 573 -0.57 -25.23 -1.23
CA ASP A 573 -0.96 -25.45 0.18
C ASP A 573 0.00 -24.71 1.11
N ASP A 574 -0.35 -24.65 2.40
CA ASP A 574 0.45 -23.93 3.42
C ASP A 574 1.89 -24.47 3.60
N ASP A 575 2.08 -25.77 3.29
CA ASP A 575 3.42 -26.38 3.28
C ASP A 575 4.26 -25.95 2.07
N GLU A 576 3.61 -25.83 0.91
CA GLU A 576 4.29 -25.58 -0.38
C GLU A 576 4.63 -24.11 -0.63
N LEU A 577 5.48 -23.86 -1.63
CA LEU A 577 5.98 -22.53 -1.99
C LEU A 577 6.11 -22.39 -3.52
N VAL A 578 6.11 -21.16 -4.03
CA VAL A 578 6.19 -20.89 -5.47
C VAL A 578 7.49 -20.17 -5.83
N GLU A 579 8.44 -20.91 -6.44
CA GLU A 579 9.68 -20.34 -6.99
C GLU A 579 9.32 -19.54 -8.23
N VAL A 580 9.82 -18.30 -8.29
CA VAL A 580 9.59 -17.41 -9.43
C VAL A 580 10.91 -16.79 -9.94
N THR A 581 11.49 -17.45 -10.95
CA THR A 581 12.62 -16.92 -11.70
C THR A 581 12.08 -15.92 -12.71
N PRO A 582 12.98 -15.13 -13.32
CA PRO A 582 12.52 -14.21 -14.35
C PRO A 582 12.07 -14.84 -15.66
N THR A 583 12.29 -16.14 -15.84
CA THR A 583 11.95 -16.82 -17.09
C THR A 583 10.69 -17.69 -16.94
N SER A 584 10.80 -18.75 -16.14
CA SER A 584 9.72 -19.74 -15.92
C SER A 584 9.11 -19.54 -14.52
N ILE A 585 8.21 -20.46 -14.13
CA ILE A 585 7.64 -20.52 -12.78
C ILE A 585 7.64 -21.98 -12.30
N ARG A 586 8.27 -22.24 -11.15
CA ARG A 586 8.27 -23.58 -10.54
C ARG A 586 7.38 -23.61 -9.30
N ILE A 587 6.79 -24.77 -9.03
CA ILE A 587 5.97 -25.02 -7.84
C ILE A 587 6.64 -26.14 -7.03
N ARG A 588 7.52 -25.75 -6.11
CA ARG A 588 8.21 -26.67 -5.21
C ARG A 588 7.33 -26.95 -4.01
N LYS A 589 7.68 -28.00 -3.27
CA LYS A 589 7.34 -28.07 -1.84
C LYS A 589 8.54 -27.47 -1.09
N ARG A 590 8.32 -27.08 0.16
CA ARG A 590 9.38 -26.55 1.00
C ARG A 590 10.35 -27.66 1.42
N HIS A 591 9.88 -28.90 1.34
CA HIS A 591 10.67 -30.08 1.62
C HIS A 591 10.73 -30.90 0.32
N LEU A 592 11.91 -31.45 0.04
CA LEU A 592 12.25 -31.91 -1.32
C LEU A 592 12.13 -33.42 -1.61
N THR A 593 12.10 -34.27 -0.57
CA THR A 593 12.09 -35.74 -0.75
C THR A 593 10.94 -36.47 0.00
N GLU A 594 10.78 -37.77 -0.31
CA GLU A 594 9.69 -38.63 0.22
C GLU A 594 9.86 -39.07 1.68
N ASN A 595 11.08 -38.95 2.20
CA ASN A 595 11.39 -39.10 3.64
C ASN A 595 11.54 -37.73 4.34
N ASP A 596 12.08 -36.73 3.63
CA ASP A 596 12.16 -35.34 4.13
C ASP A 596 10.75 -34.75 4.32
N ARG A 597 9.80 -35.19 3.50
CA ARG A 597 8.37 -34.91 3.72
C ARG A 597 7.86 -35.58 5.01
N ARG A 598 8.09 -36.89 5.12
CA ARG A 598 7.70 -37.66 6.32
C ARG A 598 8.44 -37.23 7.61
N ARG A 599 9.59 -36.59 7.44
CA ARG A 599 10.44 -36.08 8.53
C ARG A 599 9.81 -34.96 9.33
N ALA A 600 9.49 -33.87 8.64
CA ALA A 600 8.89 -32.70 9.29
C ALA A 600 7.50 -32.96 9.88
N ASN A 601 6.85 -34.05 9.46
CA ASN A 601 5.54 -34.43 9.99
C ASN A 601 5.61 -35.06 11.39
N ARG A 602 5.59 -34.19 12.39
CA ARG A 602 5.29 -34.55 13.77
C ARG A 602 4.21 -33.60 14.30
PB GDP B . 7.02 26.12 -9.49
O1B GDP B . 8.42 26.57 -9.87
O2B GDP B . 6.42 25.13 -10.45
O3B GDP B . 6.85 25.76 -8.04
O3A GDP B . 6.13 27.44 -9.68
PA GDP B . 6.64 28.65 -10.61
O1A GDP B . 7.45 28.07 -11.75
O2A GDP B . 7.25 29.71 -9.72
O5' GDP B . 5.27 29.23 -11.22
C5' GDP B . 4.71 28.68 -12.41
C4' GDP B . 4.99 29.62 -13.59
O4' GDP B . 4.04 30.68 -13.58
C3' GDP B . 6.37 30.23 -13.48
O3' GDP B . 7.14 29.89 -14.64
C2' GDP B . 6.17 31.73 -13.42
O2' GDP B . 6.81 32.36 -14.53
C1' GDP B . 4.67 31.97 -13.47
N9 GDP B . 4.22 32.65 -12.24
C8 GDP B . 4.17 32.10 -11.01
N7 GDP B . 3.71 32.99 -10.10
C5 GDP B . 3.46 34.14 -10.75
C6 GDP B . 2.96 35.49 -10.37
O6 GDP B . 2.65 35.76 -9.19
N1 GDP B . 2.85 36.41 -11.35
C2 GDP B . 3.17 36.14 -12.63
N2 GDP B . 3.02 37.12 -13.55
N3 GDP B . 3.63 34.93 -13.04
C4 GDP B . 3.80 33.91 -12.15
#